data_2JH7
#
_entry.id   2JH7
#
_cell.length_a   65.935
_cell.length_b   65.935
_cell.length_c   172.983
_cell.angle_alpha   90.00
_cell.angle_beta   90.00
_cell.angle_gamma   90.00
#
_symmetry.space_group_name_H-M   'P 43 21 2'
#
loop_
_entity.id
_entity.type
_entity.pdbx_description
1 polymer 'MICRONEMAL PROTEIN 1'
2 branched 'N-acetyl-alpha-neuraminic acid-(2-6)-beta-D-galactopyranose'
3 non-polymer 'ACETATE ION'
4 non-polymer 'CHLORIDE ION'
5 non-polymer GLYCEROL
6 water water
#
_entity_poly.entity_id   1
_entity_poly.type   'polypeptide(L)'
_entity_poly.pdbx_seq_one_letter_code
;VGPEAYGEASHSHSPASGRYIQQ(MSE)LDQRCQEIAAELCQSGLRK(MSE)CVPSSRIVARNAVGITHQNTLQWRCFDT
ASLLESNQENNGVNCVDDCGHTIPCPGGVHRQNSNHATRHEILSKLVEEGVQRFCSPYQASANKYCNDKFPGTIARRSKG
FGNNVEVAWRCYEKASLLYSVYAECASNCGTTWYCPGGRRGTSTELDKRHYTEEEGIRQAIGSVDSPCSEVEVCLPKDEN
PPLCLDESGQISRT
;
_entity_poly.pdbx_strand_id   A
#
loop_
_chem_comp.id
_chem_comp.type
_chem_comp.name
_chem_comp.formula
ACT non-polymer 'ACETATE ION' 'C2 H3 O2 -1'
CL non-polymer 'CHLORIDE ION' 'Cl -1'
GAL D-saccharide, beta linking beta-D-galactopyranose 'C6 H12 O6'
GOL non-polymer GLYCEROL 'C3 H8 O3'
SIA D-saccharide, alpha linking 'N-acetyl-alpha-neuraminic acid' 'C11 H19 N O9'
#
# COMPACT_ATOMS: atom_id res chain seq x y z
N HIS A 13 -20.94 2.80 -2.35
CA HIS A 13 -19.72 2.84 -1.48
C HIS A 13 -19.46 1.44 -0.84
N SER A 14 -18.34 0.82 -1.24
CA SER A 14 -17.87 -0.41 -0.59
CA SER A 14 -17.90 -0.40 -0.58
C SER A 14 -17.07 -0.03 0.66
N PRO A 15 -17.06 -0.90 1.70
CA PRO A 15 -16.25 -0.54 2.90
C PRO A 15 -14.76 -0.89 2.72
N ALA A 16 -14.09 -0.13 1.84
CA ALA A 16 -12.81 -0.53 1.32
C ALA A 16 -11.97 0.70 1.01
N SER A 17 -10.66 0.52 1.09
CA SER A 17 -9.72 1.55 0.70
C SER A 17 -9.97 1.94 -0.77
N GLY A 18 -9.91 3.27 -1.03
CA GLY A 18 -9.94 3.75 -2.40
C GLY A 18 -8.60 3.73 -3.14
N ARG A 19 -7.52 3.42 -2.44
CA ARG A 19 -6.16 3.39 -3.04
C ARG A 19 -5.83 4.74 -3.63
N TYR A 20 -6.29 5.77 -2.95
CA TYR A 20 -6.13 7.16 -3.38
C TYR A 20 -4.68 7.61 -3.48
N ILE A 21 -3.82 7.22 -2.53
CA ILE A 21 -2.40 7.57 -2.61
C ILE A 21 -1.77 6.99 -3.89
N GLN A 22 -1.96 5.70 -4.12
CA GLN A 22 -1.47 5.10 -5.37
C GLN A 22 -1.99 5.83 -6.61
N GLN A 23 -3.27 6.18 -6.62
CA GLN A 23 -3.87 6.89 -7.74
C GLN A 23 -3.21 8.29 -7.96
N MSE A 24 -2.88 8.97 -6.86
CA MSE A 24 -2.21 10.27 -6.94
C MSE A 24 -0.79 10.13 -7.47
O MSE A 24 -0.33 10.95 -8.26
CB MSE A 24 -2.19 10.93 -5.56
CG MSE A 24 -3.57 11.25 -5.00
SE MSE A 24 -3.49 12.39 -3.44
CE MSE A 24 -2.17 11.42 -2.40
N LEU A 25 -0.10 9.07 -7.04
CA LEU A 25 1.26 8.79 -7.57
C LEU A 25 1.24 8.49 -9.08
N ASP A 26 0.29 7.71 -9.57
CA ASP A 26 0.30 7.35 -10.98
C ASP A 26 0.01 8.64 -11.80
N GLN A 27 -0.96 9.45 -11.39
CA GLN A 27 -1.26 10.71 -12.06
C GLN A 27 -0.03 11.62 -12.08
N ARG A 28 0.65 11.79 -10.92
CA ARG A 28 1.86 12.60 -10.90
C ARG A 28 2.90 12.02 -11.85
N CYS A 29 3.10 10.69 -11.82
CA CYS A 29 3.99 10.08 -12.83
C CYS A 29 3.60 10.30 -14.30
N GLN A 30 2.32 10.29 -14.63
CA GLN A 30 1.87 10.59 -15.99
C GLN A 30 2.21 12.01 -16.44
N GLU A 31 2.10 12.94 -15.50
CA GLU A 31 2.53 14.29 -15.69
C GLU A 31 4.06 14.44 -15.93
N ILE A 32 4.88 13.80 -15.11
CA ILE A 32 6.36 13.73 -15.26
C ILE A 32 6.79 13.09 -16.57
N ALA A 33 6.15 11.98 -16.99
CA ALA A 33 6.49 11.35 -18.28
C ALA A 33 6.19 12.34 -19.42
N ALA A 34 5.05 13.01 -19.34
CA ALA A 34 4.63 14.02 -20.35
C ALA A 34 5.62 15.23 -20.43
N GLU A 35 6.13 15.70 -19.27
CA GLU A 35 7.15 16.75 -19.19
CA GLU A 35 7.16 16.75 -19.19
C GLU A 35 8.47 16.26 -19.78
N LEU A 36 8.88 15.03 -19.42
CA LEU A 36 10.12 14.43 -20.01
C LEU A 36 10.05 14.32 -21.52
N CYS A 37 8.92 13.85 -22.05
CA CYS A 37 8.69 13.80 -23.51
C CYS A 37 8.88 15.22 -24.15
N GLN A 38 8.28 16.24 -23.52
CA GLN A 38 8.36 17.62 -24.02
C GLN A 38 9.80 18.10 -24.01
N SER A 39 10.57 17.56 -23.06
CA SER A 39 12.02 17.81 -22.99
C SER A 39 12.84 17.03 -24.01
N GLY A 40 12.20 16.17 -24.81
CA GLY A 40 12.88 15.42 -25.88
C GLY A 40 13.10 13.93 -25.55
N LEU A 41 12.78 13.51 -24.31
CA LEU A 41 13.06 12.11 -23.93
C LEU A 41 12.03 11.18 -24.59
N ARG A 42 12.40 10.71 -25.77
CA ARG A 42 11.48 10.04 -26.72
C ARG A 42 10.73 8.85 -26.13
N LYS A 43 11.44 8.03 -25.35
CA LYS A 43 10.85 6.88 -24.72
C LYS A 43 9.73 7.18 -23.71
N MSE A 44 9.59 8.43 -23.29
CA MSE A 44 8.55 8.84 -22.37
C MSE A 44 7.34 9.46 -23.08
O MSE A 44 6.40 9.93 -22.43
CB MSE A 44 9.10 9.78 -21.25
CG MSE A 44 9.91 9.12 -20.15
SE MSE A 44 8.72 7.97 -19.08
CE MSE A 44 10.07 6.69 -18.41
N CYS A 45 7.34 9.46 -24.41
CA CYS A 45 6.24 10.02 -25.20
C CYS A 45 5.17 8.93 -25.42
N VAL A 46 4.43 8.64 -24.36
CA VAL A 46 3.48 7.50 -24.30
C VAL A 46 2.13 8.00 -23.80
N PRO A 47 1.05 7.29 -24.12
CA PRO A 47 -0.26 7.56 -23.49
C PRO A 47 -0.21 7.30 -21.96
N SER A 48 -1.11 7.94 -21.23
CA SER A 48 -1.05 7.83 -19.77
C SER A 48 -1.40 6.43 -19.26
N SER A 49 -2.10 5.63 -20.07
CA SER A 49 -2.38 4.20 -19.76
C SER A 49 -1.09 3.42 -19.63
N ARG A 50 0.03 3.99 -20.11
CA ARG A 50 1.30 3.25 -20.03
C ARG A 50 2.17 3.61 -18.83
N ILE A 51 1.70 4.48 -17.96
CA ILE A 51 2.56 5.01 -16.89
C ILE A 51 1.92 4.81 -15.53
N VAL A 52 2.70 4.22 -14.62
CA VAL A 52 2.32 4.05 -13.21
C VAL A 52 3.49 4.40 -12.30
N ALA A 53 3.23 4.72 -11.04
CA ALA A 53 4.30 4.81 -10.06
C ALA A 53 4.50 3.41 -9.32
N ARG A 54 5.77 2.99 -9.16
CA ARG A 54 6.10 1.76 -8.39
C ARG A 54 7.29 2.05 -7.55
N ASN A 55 7.31 1.40 -6.39
CA ASN A 55 8.41 1.49 -5.49
C ASN A 55 9.25 0.19 -5.67
N ALA A 56 10.47 0.34 -6.17
CA ALA A 56 11.20 -0.82 -6.68
C ALA A 56 12.65 -0.46 -6.89
N VAL A 57 13.43 -1.51 -7.14
CA VAL A 57 14.75 -1.37 -7.77
C VAL A 57 14.57 -0.79 -9.19
N GLY A 58 15.67 -0.30 -9.76
CA GLY A 58 15.70 0.19 -11.16
C GLY A 58 16.49 -0.73 -12.08
N ILE A 59 17.25 -0.13 -13.01
CA ILE A 59 18.21 -0.89 -13.81
C ILE A 59 19.40 -1.33 -12.93
N THR A 60 20.32 -2.10 -13.51
CA THR A 60 21.53 -2.60 -12.83
C THR A 60 22.23 -1.46 -12.03
N HIS A 61 22.59 -1.72 -10.77
CA HIS A 61 23.21 -0.67 -9.87
C HIS A 61 22.25 0.28 -9.19
N GLN A 62 21.01 0.33 -9.70
CA GLN A 62 19.90 1.00 -8.99
C GLN A 62 19.27 -0.04 -8.06
N ASN A 63 19.93 -0.27 -6.94
CA ASN A 63 19.62 -1.45 -6.13
C ASN A 63 18.82 -1.17 -4.90
N THR A 64 18.44 0.08 -4.65
CA THR A 64 17.63 0.33 -3.50
C THR A 64 16.16 0.49 -3.97
N LEU A 65 15.25 0.50 -3.00
CA LEU A 65 13.83 0.67 -3.32
C LEU A 65 13.57 2.16 -3.40
N GLN A 66 13.13 2.63 -4.55
CA GLN A 66 12.85 4.06 -4.74
C GLN A 66 11.53 4.13 -5.49
N TRP A 67 10.82 5.25 -5.32
CA TRP A 67 9.68 5.59 -6.13
C TRP A 67 10.14 6.07 -7.50
N ARG A 68 9.64 5.40 -8.55
CA ARG A 68 9.95 5.67 -9.93
C ARG A 68 8.66 5.58 -10.75
N CYS A 69 8.68 6.28 -11.88
CA CYS A 69 7.59 6.34 -12.85
C CYS A 69 7.94 5.35 -13.94
N PHE A 70 7.19 4.26 -14.06
CA PHE A 70 7.52 3.20 -15.02
C PHE A 70 6.62 3.18 -16.21
N ASP A 71 7.19 2.90 -17.38
CA ASP A 71 6.40 2.54 -18.55
C ASP A 71 6.02 1.03 -18.36
N THR A 72 4.73 0.74 -18.22
CA THR A 72 4.29 -0.67 -17.99
C THR A 72 4.67 -1.57 -19.17
N ALA A 73 4.84 -1.02 -20.38
CA ALA A 73 5.30 -1.86 -21.48
C ALA A 73 6.71 -2.46 -21.23
N SER A 74 7.50 -1.89 -20.32
CA SER A 74 8.85 -2.37 -19.98
C SER A 74 8.88 -3.24 -18.71
N LEU A 75 7.75 -3.35 -18.03
CA LEU A 75 7.69 -4.21 -16.84
C LEU A 75 7.54 -5.68 -17.28
N LEU A 76 8.21 -6.59 -16.59
CA LEU A 76 7.94 -8.05 -16.72
C LEU A 76 6.63 -8.44 -16.02
N GLU A 77 6.03 -9.52 -16.52
CA GLU A 77 4.73 -10.01 -16.02
C GLU A 77 4.89 -10.56 -14.60
N SER A 78 6.08 -11.05 -14.31
CA SER A 78 6.36 -11.57 -12.98
C SER A 78 7.81 -11.27 -12.57
N ASN A 79 8.09 -11.40 -11.29
CA ASN A 79 9.41 -11.12 -10.80
C ASN A 79 10.18 -12.39 -10.35
N GLN A 80 11.51 -12.32 -10.46
CA GLN A 80 12.39 -13.27 -9.79
C GLN A 80 12.82 -12.70 -8.42
N GLU A 81 14.12 -12.49 -8.24
CA GLU A 81 14.69 -12.32 -6.88
C GLU A 81 14.29 -11.00 -6.18
N ASN A 82 15.19 -10.01 -6.32
CA ASN A 82 15.02 -8.69 -5.70
C ASN A 82 14.24 -7.71 -6.59
N ASN A 83 13.74 -8.18 -7.75
CA ASN A 83 13.17 -7.32 -8.80
C ASN A 83 11.65 -7.11 -8.85
N GLY A 84 10.91 -7.43 -7.79
CA GLY A 84 9.47 -7.16 -7.83
C GLY A 84 9.09 -5.70 -7.66
N VAL A 85 7.91 -5.30 -8.11
CA VAL A 85 7.45 -3.92 -7.89
C VAL A 85 6.49 -3.80 -6.70
N ASN A 86 6.47 -2.66 -6.02
CA ASN A 86 5.59 -2.43 -4.88
C ASN A 86 4.64 -1.26 -5.17
N CYS A 87 3.42 -1.35 -4.65
CA CYS A 87 2.42 -0.30 -4.78
C CYS A 87 2.26 0.16 -3.34
N VAL A 88 1.37 1.11 -3.07
CA VAL A 88 1.29 1.69 -1.72
C VAL A 88 -0.16 1.73 -1.22
N ASP A 89 -0.32 1.44 0.06
CA ASP A 89 -1.70 1.44 0.66
C ASP A 89 -1.94 2.85 1.14
N ASP A 90 -3.14 3.12 1.66
CA ASP A 90 -3.54 4.46 2.03
C ASP A 90 -3.04 4.88 3.41
N CYS A 91 -2.21 4.05 4.05
CA CYS A 91 -1.39 4.45 5.17
C CYS A 91 0.09 4.63 4.81
N GLY A 92 0.43 4.61 3.53
CA GLY A 92 1.79 4.91 3.10
C GLY A 92 2.73 3.71 3.11
N HIS A 93 2.22 2.48 3.27
CA HIS A 93 3.06 1.28 3.23
C HIS A 93 3.16 0.63 1.89
N THR A 94 4.41 0.33 1.50
CA THR A 94 4.67 -0.31 0.19
C THR A 94 4.50 -1.84 0.25
N ILE A 95 3.84 -2.42 -0.75
CA ILE A 95 3.36 -3.84 -0.67
C ILE A 95 3.49 -4.36 -2.08
N PRO A 96 4.03 -5.60 -2.23
CA PRO A 96 4.19 -6.20 -3.57
C PRO A 96 2.95 -6.11 -4.41
N CYS A 97 3.10 -5.65 -5.64
N CYS A 97 3.15 -5.62 -5.63
CA CYS A 97 1.98 -5.73 -6.54
CA CYS A 97 2.14 -5.53 -6.67
C CYS A 97 2.49 -6.35 -7.84
C CYS A 97 2.53 -6.46 -7.80
N PRO A 98 1.61 -6.72 -8.74
CA PRO A 98 2.04 -7.54 -9.90
C PRO A 98 3.10 -6.91 -10.79
N GLY A 99 4.09 -7.69 -11.21
CA GLY A 99 5.07 -7.18 -12.14
C GLY A 99 6.48 -7.35 -11.67
N GLY A 100 7.42 -7.18 -12.58
CA GLY A 100 8.82 -7.16 -12.19
C GLY A 100 9.61 -6.17 -13.04
N VAL A 101 10.69 -5.66 -12.46
CA VAL A 101 11.61 -4.75 -13.16
C VAL A 101 12.59 -5.51 -14.06
N HIS A 102 12.61 -5.17 -15.33
CA HIS A 102 13.67 -5.65 -16.24
C HIS A 102 14.97 -4.84 -16.00
N ARG A 103 15.95 -5.45 -15.37
CA ARG A 103 17.14 -4.75 -14.93
C ARG A 103 18.02 -4.15 -16.05
N GLN A 104 17.86 -4.61 -17.30
CA GLN A 104 18.59 -4.00 -18.41
C GLN A 104 17.71 -3.06 -19.20
N ASN A 105 16.46 -3.47 -19.38
CA ASN A 105 15.54 -2.84 -20.32
C ASN A 105 14.45 -1.96 -19.69
N SER A 106 14.45 -1.79 -18.37
CA SER A 106 13.39 -0.96 -17.77
C SER A 106 13.37 0.47 -18.39
N ASN A 107 12.18 0.99 -18.67
CA ASN A 107 11.97 2.39 -19.10
C ASN A 107 11.26 3.12 -17.97
N HIS A 108 12.03 3.88 -17.19
CA HIS A 108 11.48 4.53 -16.01
C HIS A 108 12.20 5.86 -15.67
N ALA A 109 11.58 6.64 -14.77
CA ALA A 109 12.18 7.83 -14.26
C ALA A 109 12.06 7.84 -12.76
N THR A 110 13.19 7.80 -12.09
CA THR A 110 13.23 7.78 -10.66
C THR A 110 12.88 9.15 -10.18
N ARG A 111 11.86 9.20 -9.31
CA ARG A 111 11.39 10.49 -8.79
C ARG A 111 11.09 10.39 -7.32
N HIS A 112 12.07 9.97 -6.56
CA HIS A 112 11.84 9.60 -5.16
C HIS A 112 11.31 10.68 -4.21
N GLU A 113 11.86 11.89 -4.32
CA GLU A 113 11.49 13.01 -3.47
C GLU A 113 10.04 13.47 -3.70
N ILE A 114 9.65 13.77 -4.94
CA ILE A 114 8.30 14.27 -5.13
C ILE A 114 7.28 13.20 -4.78
N LEU A 115 7.58 11.96 -5.12
CA LEU A 115 6.61 10.89 -4.96
C LEU A 115 6.49 10.56 -3.47
N SER A 116 7.62 10.46 -2.74
CA SER A 116 7.55 10.37 -1.24
C SER A 116 6.77 11.48 -0.56
N LYS A 117 6.90 12.73 -1.05
CA LYS A 117 6.18 13.81 -0.42
CA LYS A 117 6.18 13.90 -0.55
C LYS A 117 4.68 13.70 -0.66
N LEU A 118 4.25 13.22 -1.85
CA LEU A 118 2.85 12.96 -2.11
C LEU A 118 2.32 11.81 -1.23
N VAL A 119 3.13 10.78 -1.00
CA VAL A 119 2.74 9.75 -0.05
C VAL A 119 2.48 10.35 1.35
N GLU A 120 3.43 11.15 1.89
CA GLU A 120 3.22 11.77 3.20
C GLU A 120 1.99 12.63 3.24
N GLU A 121 1.77 13.50 2.24
CA GLU A 121 0.50 14.19 2.15
C GLU A 121 -0.74 13.30 2.13
N GLY A 122 -0.76 12.26 1.30
CA GLY A 122 -1.86 11.30 1.25
C GLY A 122 -2.11 10.58 2.60
N VAL A 123 -1.05 10.19 3.32
CA VAL A 123 -1.19 9.53 4.64
C VAL A 123 -1.99 10.40 5.62
N GLN A 124 -1.78 11.72 5.60
CA GLN A 124 -2.53 12.64 6.46
C GLN A 124 -4.01 12.64 6.16
N ARG A 125 -4.38 12.69 4.89
CA ARG A 125 -5.77 12.64 4.45
C ARG A 125 -6.47 11.26 4.65
N PHE A 126 -5.77 10.15 4.35
CA PHE A 126 -6.45 8.90 4.12
C PHE A 126 -6.27 7.81 5.17
N CYS A 127 -5.21 7.87 5.95
CA CYS A 127 -4.83 6.80 6.82
C CYS A 127 -5.71 6.79 8.10
N SER A 128 -6.49 5.72 8.32
CA SER A 128 -7.28 5.59 9.54
C SER A 128 -6.39 5.63 10.79
N PRO A 129 -6.70 6.51 11.77
CA PRO A 129 -5.94 6.54 13.01
C PRO A 129 -5.94 5.15 13.72
N TYR A 130 -7.04 4.40 13.56
CA TYR A 130 -7.14 3.06 14.15
C TYR A 130 -6.18 2.11 13.48
N GLN A 131 -6.11 2.16 12.15
CA GLN A 131 -5.11 1.38 11.41
C GLN A 131 -3.67 1.90 11.74
N ALA A 132 -3.47 3.21 11.75
CA ALA A 132 -2.13 3.72 12.12
C ALA A 132 -1.64 3.10 13.44
N SER A 133 -2.54 3.04 14.40
CA SER A 133 -2.21 2.50 15.71
C SER A 133 -1.86 1.02 15.67
N ALA A 134 -2.64 0.23 14.94
CA ALA A 134 -2.36 -1.19 14.75
C ALA A 134 -1.01 -1.39 14.03
N ASN A 135 -0.72 -0.57 13.01
CA ASN A 135 0.53 -0.69 12.24
C ASN A 135 1.72 -0.35 13.13
N LYS A 136 1.54 0.67 13.97
CA LYS A 136 2.59 1.13 14.91
C LYS A 136 2.93 0.05 15.94
N TYR A 137 1.91 -0.56 16.53
CA TYR A 137 2.10 -1.71 17.39
C TYR A 137 2.98 -2.76 16.73
N CYS A 138 2.63 -3.12 15.47
CA CYS A 138 3.36 -4.15 14.70
C CYS A 138 4.79 -3.74 14.43
N ASN A 139 4.98 -2.50 13.97
CA ASN A 139 6.29 -2.01 13.62
C ASN A 139 7.23 -1.94 14.81
N ASP A 140 6.75 -1.40 15.92
CA ASP A 140 7.53 -1.38 17.15
C ASP A 140 7.97 -2.78 17.57
N LYS A 141 7.08 -3.76 17.50
CA LYS A 141 7.43 -5.11 17.98
C LYS A 141 8.22 -5.97 16.95
N PHE A 142 7.87 -5.82 15.65
CA PHE A 142 8.48 -6.58 14.55
C PHE A 142 8.78 -5.60 13.41
N PRO A 143 9.97 -4.97 13.43
CA PRO A 143 10.29 -3.89 12.49
C PRO A 143 9.90 -4.24 11.06
N GLY A 144 9.21 -3.33 10.39
CA GLY A 144 8.85 -3.60 9.01
C GLY A 144 7.46 -4.21 8.80
N THR A 145 6.75 -4.60 9.85
CA THR A 145 5.48 -5.30 9.61
C THR A 145 4.30 -4.34 9.63
N ILE A 146 3.18 -4.74 9.01
CA ILE A 146 1.95 -3.96 9.11
C ILE A 146 0.82 -4.87 9.56
N ALA A 147 -0.29 -4.30 10.08
CA ALA A 147 -1.35 -5.14 10.65
C ALA A 147 -2.43 -5.41 9.57
N ARG A 148 -2.80 -6.67 9.39
CA ARG A 148 -4.04 -7.06 8.67
C ARG A 148 -4.73 -8.17 9.49
N ARG A 149 -6.05 -8.29 9.33
CA ARG A 149 -6.76 -9.48 9.71
C ARG A 149 -6.96 -10.43 8.50
N SER A 150 -6.04 -11.38 8.36
CA SER A 150 -5.94 -12.15 7.16
C SER A 150 -5.44 -13.61 7.40
N LYS A 151 -5.12 -14.31 6.31
CA LYS A 151 -4.76 -15.74 6.38
C LYS A 151 -3.35 -15.97 6.89
N GLY A 152 -3.07 -17.20 7.35
CA GLY A 152 -1.74 -17.56 7.78
C GLY A 152 -1.15 -18.58 6.86
N PHE A 153 -0.23 -19.40 7.37
CA PHE A 153 0.39 -20.46 6.55
C PHE A 153 -0.53 -21.64 6.23
N GLY A 154 -0.76 -21.97 4.97
CA GLY A 154 -1.41 -23.21 4.59
C GLY A 154 -2.84 -23.37 5.09
N ASN A 155 -3.54 -22.25 5.30
CA ASN A 155 -4.96 -22.28 5.66
C ASN A 155 -5.59 -21.05 5.01
N ASN A 156 -6.38 -21.31 3.98
CA ASN A 156 -7.06 -20.31 3.17
C ASN A 156 -8.43 -19.85 3.68
N VAL A 157 -8.80 -20.28 4.90
CA VAL A 157 -10.08 -19.83 5.49
C VAL A 157 -9.85 -18.92 6.68
N GLU A 158 -9.05 -19.36 7.63
CA GLU A 158 -9.03 -18.66 8.90
C GLU A 158 -8.34 -17.30 8.82
N VAL A 159 -8.94 -16.28 9.44
CA VAL A 159 -8.31 -14.97 9.57
C VAL A 159 -8.06 -14.63 11.05
N ALA A 160 -7.02 -13.83 11.31
CA ALA A 160 -6.66 -13.32 12.62
C ALA A 160 -5.90 -12.06 12.41
N TRP A 161 -5.92 -11.18 13.40
CA TRP A 161 -5.02 -10.03 13.37
C TRP A 161 -3.54 -10.47 13.50
N ARG A 162 -2.70 -10.06 12.53
CA ARG A 162 -1.29 -10.43 12.55
C ARG A 162 -0.44 -9.29 12.06
N CYS A 163 0.80 -9.26 12.54
CA CYS A 163 1.82 -8.37 12.05
C CYS A 163 2.48 -9.06 10.90
N TYR A 164 2.25 -8.58 9.68
CA TYR A 164 2.75 -9.19 8.43
C TYR A 164 3.94 -8.45 7.86
N GLU A 165 4.97 -9.21 7.49
CA GLU A 165 6.07 -8.63 6.73
C GLU A 165 5.50 -8.25 5.39
N LYS A 166 5.74 -7.00 5.00
CA LYS A 166 5.15 -6.42 3.76
C LYS A 166 5.45 -7.22 2.50
N ALA A 167 6.65 -7.84 2.43
CA ALA A 167 7.03 -8.69 1.28
C ALA A 167 6.15 -9.95 1.09
N SER A 168 5.48 -10.39 2.18
CA SER A 168 4.61 -11.57 2.13
C SER A 168 3.17 -11.21 1.78
N LEU A 169 2.82 -9.91 1.70
CA LEU A 169 1.47 -9.45 1.29
C LEU A 169 1.33 -9.26 -0.19
N LEU A 170 0.09 -9.28 -0.63
CA LEU A 170 -0.26 -9.16 -2.05
C LEU A 170 -1.18 -7.99 -2.19
N TYR A 171 -0.76 -7.00 -2.99
CA TYR A 171 -1.57 -5.78 -3.10
C TYR A 171 -2.91 -6.11 -3.78
N SER A 172 -2.91 -7.06 -4.74
CA SER A 172 -4.11 -7.36 -5.50
C SER A 172 -5.18 -8.08 -4.63
N VAL A 173 -4.79 -8.53 -3.45
CA VAL A 173 -5.71 -9.20 -2.50
C VAL A 173 -6.13 -8.25 -1.38
N TYR A 174 -7.43 -7.96 -1.26
CA TYR A 174 -7.92 -7.14 -0.16
C TYR A 174 -8.07 -8.02 1.08
N ALA A 175 -7.71 -7.51 2.27
CA ALA A 175 -7.86 -8.21 3.51
C ALA A 175 -8.41 -7.22 4.55
N GLU A 176 -8.98 -7.76 5.62
CA GLU A 176 -9.57 -6.89 6.60
C GLU A 176 -8.53 -6.02 7.27
N CYS A 177 -8.96 -4.76 7.48
CA CYS A 177 -8.18 -3.77 8.19
C CYS A 177 -9.14 -2.92 9.01
N ALA A 178 -8.63 -1.94 9.72
CA ALA A 178 -9.43 -1.12 10.60
C ALA A 178 -9.88 0.22 9.93
N SER A 179 -11.20 0.46 9.87
CA SER A 179 -11.73 1.69 9.29
C SER A 179 -11.40 2.86 10.22
N ASN A 180 -11.70 4.09 9.83
CA ASN A 180 -11.46 5.24 10.71
C ASN A 180 -12.56 5.45 11.78
N CYS A 181 -13.44 4.48 11.93
CA CYS A 181 -14.29 4.35 13.13
C CYS A 181 -13.85 3.16 14.00
N GLY A 182 -12.80 2.46 13.61
CA GLY A 182 -12.36 1.23 14.31
C GLY A 182 -13.28 0.05 14.04
N THR A 183 -13.88 0.01 12.83
CA THR A 183 -14.84 -1.03 12.43
C THR A 183 -14.33 -1.76 11.19
N THR A 184 -15.02 -2.80 10.78
CA THR A 184 -14.60 -3.63 9.65
C THR A 184 -14.38 -2.77 8.38
N TRP A 185 -13.26 -3.01 7.73
CA TRP A 185 -12.85 -2.29 6.51
C TRP A 185 -11.95 -3.25 5.76
N TYR A 186 -11.75 -3.04 4.47
CA TYR A 186 -10.87 -3.91 3.68
C TYR A 186 -9.82 -3.08 2.92
N CYS A 187 -8.59 -3.58 2.83
CA CYS A 187 -7.47 -2.75 2.34
C CYS A 187 -6.67 -3.65 1.43
N PRO A 188 -6.01 -3.07 0.37
CA PRO A 188 -5.06 -3.90 -0.42
C PRO A 188 -3.89 -4.35 0.44
N GLY A 189 -3.34 -5.49 0.07
CA GLY A 189 -2.31 -6.18 0.83
C GLY A 189 -2.90 -7.25 1.73
N GLY A 190 -3.02 -8.46 1.18
CA GLY A 190 -3.67 -9.60 1.86
C GLY A 190 -2.86 -10.84 1.61
N ARG A 191 -3.29 -11.92 2.24
CA ARG A 191 -2.71 -13.24 2.09
C ARG A 191 -3.71 -14.13 1.38
N ARG A 192 -3.20 -15.13 0.68
CA ARG A 192 -4.09 -16.18 0.17
C ARG A 192 -4.24 -17.43 1.06
N GLY A 193 -3.39 -17.58 2.09
CA GLY A 193 -3.34 -18.79 2.93
C GLY A 193 -2.69 -19.96 2.21
N THR A 194 -1.84 -19.66 1.23
CA THR A 194 -1.13 -20.70 0.48
C THR A 194 0.04 -21.21 1.35
N SER A 195 0.84 -22.10 0.78
CA SER A 195 1.84 -22.80 1.58
C SER A 195 3.29 -22.56 1.12
N THR A 196 3.64 -21.32 0.71
CA THR A 196 4.99 -20.97 0.27
C THR A 196 5.79 -20.45 1.47
N GLU A 197 7.11 -20.22 1.31
CA GLU A 197 7.92 -19.65 2.45
C GLU A 197 7.44 -18.25 2.91
N LEU A 198 7.03 -17.41 1.95
CA LEU A 198 6.46 -16.10 2.27
C LEU A 198 5.23 -16.20 3.22
N ASP A 199 4.40 -17.23 3.00
CA ASP A 199 3.22 -17.44 3.83
C ASP A 199 3.50 -17.65 5.31
N LYS A 200 4.79 -17.82 5.66
CA LYS A 200 5.21 -18.00 7.05
C LYS A 200 5.52 -16.70 7.76
N ARG A 201 5.64 -15.62 6.99
CA ARG A 201 6.28 -14.39 7.46
C ARG A 201 5.30 -13.38 8.11
N HIS A 202 4.85 -13.75 9.29
CA HIS A 202 3.91 -12.98 10.09
C HIS A 202 4.01 -13.42 11.53
N TYR A 203 3.44 -12.62 12.41
CA TYR A 203 3.38 -12.88 13.81
C TYR A 203 1.93 -12.63 14.20
N THR A 204 1.22 -13.67 14.63
CA THR A 204 -0.17 -13.49 15.02
C THR A 204 -0.19 -12.81 16.37
N GLU A 205 -0.97 -11.76 16.53
CA GLU A 205 -0.89 -10.84 17.65
C GLU A 205 -2.27 -10.28 17.95
N GLU A 206 -3.19 -11.21 18.06
CA GLU A 206 -4.59 -10.93 18.24
C GLU A 206 -4.84 -9.97 19.41
N GLU A 207 -4.31 -10.27 20.59
CA GLU A 207 -4.51 -9.38 21.76
C GLU A 207 -3.85 -8.02 21.62
N GLY A 208 -2.58 -7.99 21.21
CA GLY A 208 -1.85 -6.72 21.19
C GLY A 208 -2.42 -5.77 20.14
N ILE A 209 -2.78 -6.29 18.96
CA ILE A 209 -3.38 -5.46 17.89
C ILE A 209 -4.76 -4.95 18.30
N ARG A 210 -5.58 -5.79 18.90
CA ARG A 210 -6.90 -5.38 19.32
C ARG A 210 -6.86 -4.31 20.37
N GLN A 211 -5.88 -4.39 21.27
CA GLN A 211 -5.69 -3.37 22.33
C GLN A 211 -5.18 -2.09 21.70
N ALA A 212 -4.26 -2.20 20.75
CA ALA A 212 -3.76 -1.02 20.04
C ALA A 212 -4.90 -0.31 19.32
N ILE A 213 -5.79 -1.07 18.68
CA ILE A 213 -7.00 -0.54 18.03
C ILE A 213 -7.95 0.13 19.04
N GLY A 214 -8.17 -0.56 20.18
CA GLY A 214 -9.04 -0.05 21.25
C GLY A 214 -8.53 1.16 21.98
N SER A 215 -7.24 1.43 21.95
CA SER A 215 -6.70 2.59 22.64
C SER A 215 -6.85 3.92 21.88
N VAL A 216 -7.37 3.89 20.65
CA VAL A 216 -7.46 5.10 19.83
C VAL A 216 -8.66 5.91 20.30
N ASP A 217 -8.54 7.23 20.38
CA ASP A 217 -9.72 8.04 20.75
C ASP A 217 -10.68 8.20 19.59
N SER A 218 -11.98 8.01 19.86
CA SER A 218 -13.02 8.23 18.86
C SER A 218 -13.02 9.67 18.44
N PRO A 219 -13.27 9.91 17.14
CA PRO A 219 -13.52 11.25 16.60
C PRO A 219 -14.94 11.70 16.93
N CYS A 220 -15.74 10.84 17.56
CA CYS A 220 -17.15 11.15 17.85
C CYS A 220 -17.39 11.05 19.34
N SER A 221 -18.46 11.72 19.79
CA SER A 221 -18.87 11.77 21.20
C SER A 221 -19.36 10.39 21.54
N GLU A 222 -19.52 10.11 22.84
CA GLU A 222 -19.98 8.81 23.27
C GLU A 222 -21.47 8.63 22.92
N VAL A 223 -22.15 9.71 22.51
CA VAL A 223 -23.58 9.59 22.11
C VAL A 223 -23.90 9.51 20.59
N GLU A 224 -22.94 10.00 19.78
CA GLU A 224 -22.87 9.97 18.30
C GLU A 224 -22.48 8.61 17.69
N VAL A 225 -23.00 8.34 16.49
CA VAL A 225 -22.59 7.12 15.72
C VAL A 225 -21.51 7.49 14.67
N CYS A 226 -20.39 6.78 14.73
CA CYS A 226 -19.29 6.94 13.79
C CYS A 226 -19.62 6.11 12.53
N LEU A 227 -19.79 6.78 11.39
CA LEU A 227 -19.91 6.08 10.09
C LEU A 227 -18.61 6.28 9.31
N PRO A 228 -17.85 5.17 9.09
CA PRO A 228 -16.52 5.36 8.49
C PRO A 228 -16.55 5.80 7.02
N LYS A 229 -15.42 6.38 6.61
CA LYS A 229 -15.25 6.89 5.29
C LYS A 229 -13.85 6.54 4.80
N ASP A 230 -13.65 6.53 3.49
CA ASP A 230 -12.35 6.21 2.91
C ASP A 230 -11.38 7.42 2.88
N GLU A 231 -11.76 8.53 3.53
CA GLU A 231 -10.83 9.61 3.79
C GLU A 231 -11.19 10.16 5.18
N ASN A 232 -10.23 10.65 5.96
CA ASN A 232 -10.47 11.26 7.27
C ASN A 232 -11.11 12.67 7.12
N PRO A 233 -12.03 13.09 8.06
CA PRO A 233 -12.52 12.30 9.21
C PRO A 233 -13.77 11.46 8.82
N PRO A 234 -14.15 10.48 9.65
CA PRO A 234 -15.43 9.79 9.38
C PRO A 234 -16.64 10.71 9.70
N LEU A 235 -17.86 10.30 9.35
CA LEU A 235 -19.07 10.99 9.86
C LEU A 235 -19.38 10.71 11.32
N CYS A 236 -19.72 11.77 12.06
CA CYS A 236 -20.30 11.64 13.39
C CYS A 236 -21.75 12.07 13.34
N LEU A 237 -22.66 11.13 13.56
CA LEU A 237 -24.08 11.41 13.48
C LEU A 237 -24.74 11.28 14.84
N ASP A 238 -25.53 12.31 15.19
CA ASP A 238 -26.31 12.30 16.43
C ASP A 238 -27.14 10.98 16.57
N GLU A 239 -27.12 10.34 17.75
CA GLU A 239 -28.00 9.16 17.96
C GLU A 239 -29.45 9.59 18.25
C1 GAL B . 3.02 -22.10 17.63
C2 GAL B . 2.23 -22.18 18.96
C3 GAL B . 0.91 -21.36 19.00
C4 GAL B . 0.98 -20.00 18.25
C5 GAL B . 1.59 -20.21 16.86
C6 GAL B . 1.84 -18.90 16.13
O1 GAL B . 4.43 -22.34 17.88
O2 GAL B . 2.00 -23.58 19.19
O3 GAL B . 0.48 -21.12 20.37
O4 GAL B . 1.79 -19.03 18.96
O5 GAL B . 2.89 -20.82 16.97
O6 GAL B . 2.47 -19.30 14.93
C1 SIA B . 2.17 -17.09 14.07
C2 SIA B . 3.14 -18.28 14.16
C3 SIA B . 3.48 -18.87 12.80
C4 SIA B . 4.44 -17.94 12.06
C5 SIA B . 5.67 -17.56 12.92
C6 SIA B . 5.20 -16.94 14.24
C7 SIA B . 6.23 -16.54 15.28
C8 SIA B . 5.65 -16.16 16.64
C9 SIA B . 6.79 -15.46 17.36
C10 SIA B . 7.65 -16.72 11.63
C11 SIA B . 8.37 -18.03 11.82
N5 SIA B . 6.41 -16.56 12.16
O1A SIA B . 2.39 -16.18 14.87
O1B SIA B . 1.19 -17.12 13.31
O4 SIA B . 4.77 -18.56 10.83
O6 SIA B . 4.34 -17.88 14.88
O7 SIA B . 7.15 -17.62 15.50
O8 SIA B . 4.48 -15.33 16.56
O9 SIA B . 6.30 -14.73 18.50
O10 SIA B . 8.19 -15.79 11.00
C ACT C . 16.39 7.03 -13.67
O ACT C . 15.60 8.02 -13.72
OXT ACT C . 16.24 6.10 -12.87
CH3 ACT C . 17.58 6.96 -14.54
CL CL D . -5.36 1.04 2.58
C1 GOL E . -6.54 3.75 4.98
O1 GOL E . -6.81 3.67 6.36
C2 GOL E . -7.73 3.36 4.11
O2 GOL E . -7.94 1.98 4.38
C3 GOL E . -8.98 4.17 4.48
O3 GOL E . -9.90 3.90 3.47
C1 GOL F . -13.37 10.26 -2.10
O1 GOL F . -14.33 9.77 -1.18
C2 GOL F . -12.25 10.95 -1.30
O2 GOL F . -12.78 11.65 -0.17
C3 GOL F . -11.45 11.91 -2.23
O3 GOL F . -12.34 13.01 -2.51
C ACT G . -16.74 4.86 18.33
O ACT G . -17.80 5.25 17.79
OXT ACT G . -15.74 4.95 17.59
CH3 ACT G . -16.71 4.32 19.77
C ACT H . -4.84 6.25 -23.66
O ACT H . -4.53 6.95 -22.65
OXT ACT H . -4.39 5.07 -23.72
CH3 ACT H . -5.69 6.77 -24.78
C ACT I . 0.11 -9.32 -6.28
O ACT I . -0.71 -10.08 -6.88
OXT ACT I . -0.40 -8.35 -5.69
CH3 ACT I . 1.61 -9.58 -6.34
C ACT J . 8.93 -4.36 0.81
O ACT J . 8.18 -4.94 -0.03
OXT ACT J . 8.55 -3.24 1.27
CH3 ACT J . 10.25 -4.96 1.26
C ACT K . 16.36 4.20 -17.60
O ACT K . 16.60 4.66 -16.47
OXT ACT K . 15.15 3.92 -17.85
CH3 ACT K . 17.50 4.00 -18.58
C ACT L . 10.45 16.38 -14.01
O ACT L . 11.30 15.91 -14.81
OXT ACT L . 10.28 15.79 -12.88
CH3 ACT L . 9.69 17.63 -14.39
CL CL M . 11.69 13.91 -7.41
C ACT N . 11.00 -5.90 -21.48
O ACT N . 11.22 -4.81 -20.89
OXT ACT N . 11.97 -6.30 -22.16
CH3 ACT N . 9.68 -6.65 -21.40
C ACT O . 4.82 5.78 7.22
O ACT O . 4.56 5.60 6.01
OXT ACT O . 3.87 5.76 8.02
CH3 ACT O . 6.23 6.04 7.70
C ACT P . 12.19 18.20 -17.55
O ACT P . 11.22 17.44 -17.40
OXT ACT P . 13.31 17.63 -17.65
CH3 ACT P . 12.01 19.70 -17.60
C ACT Q . -4.07 0.79 -8.30
O ACT Q . -2.92 0.53 -8.81
OXT ACT Q . -4.64 -0.24 -7.91
CH3 ACT Q . -4.72 2.16 -8.20
C ACT R . -3.10 18.38 -13.40
O ACT R . -1.94 17.98 -13.35
OXT ACT R . -3.23 19.50 -13.95
CH3 ACT R . -4.23 17.55 -12.84
C ACT S . -14.57 -5.73 -0.40
O ACT S . -13.90 -4.80 -0.91
OXT ACT S . -15.71 -5.40 0.06
CH3 ACT S . -14.00 -7.13 -0.38
#